data_6B6J
#
_entry.id   6B6J
#
_cell.length_a   32.675
_cell.length_b   32.675
_cell.length_c   81.782
_cell.angle_alpha   90.00
_cell.angle_beta   90.00
_cell.angle_gamma   120.00
#
_symmetry.space_group_name_H-M   'P 31'
#
loop_
_entity.id
_entity.type
_entity.pdbx_description
1 polymer Profilin-1
2 water water
#
_entity_poly.entity_id   1
_entity_poly.type   'polypeptide(L)'
_entity_poly.pdbx_seq_one_letter_code
;SGSGSWQTYVDDHLMCDIEGTGQHLTSAAIFGTDGTVWAKSASFPEFKPNEIDAIIKEFNEAGQLAPTGLFLGGAKYMVI
QGEAGAVIRGKKGAGGICIKKTGQAMVFGIYDEPVAPGQCNMVVERLGDYLLDQGM
;
_entity_poly.pdbx_strand_id   A
#
# COMPACT_ATOMS: atom_id res chain seq x y z
N SER A 1 -24.57 -7.81 12.89
CA SER A 1 -24.67 -8.14 11.44
C SER A 1 -24.76 -6.87 10.60
N GLY A 2 -24.00 -6.86 9.50
CA GLY A 2 -23.96 -5.73 8.55
C GLY A 2 -23.80 -6.32 7.16
N SER A 3 -23.62 -5.44 6.17
CA SER A 3 -23.43 -5.86 4.79
C SER A 3 -21.95 -5.97 4.37
N GLY A 4 -21.03 -5.76 5.31
CA GLY A 4 -19.59 -5.90 5.08
C GLY A 4 -18.88 -4.56 5.12
N SER A 5 -17.57 -4.57 5.29
CA SER A 5 -16.84 -3.34 5.33
C SER A 5 -15.39 -3.54 4.88
N TRP A 6 -14.95 -2.73 3.95
CA TRP A 6 -13.50 -2.74 3.52
C TRP A 6 -12.54 -2.44 4.70
N GLN A 7 -13.00 -1.62 5.64
CA GLN A 7 -12.31 -1.41 6.95
C GLN A 7 -11.93 -2.72 7.72
N THR A 8 -12.73 -3.77 7.54
CA THR A 8 -12.50 -5.11 8.14
C THR A 8 -11.20 -5.71 7.61
N TYR A 9 -10.98 -5.58 6.31
CA TYR A 9 -9.74 -6.05 5.71
C TYR A 9 -8.58 -5.16 6.09
N VAL A 10 -8.82 -3.87 6.30
CA VAL A 10 -7.73 -2.96 6.71
C VAL A 10 -7.32 -3.33 8.13
N ASP A 11 -8.26 -3.34 9.09
CA ASP A 11 -7.91 -3.67 10.47
C ASP A 11 -7.43 -5.13 10.64
N ASP A 12 -8.07 -6.10 9.99
CA ASP A 12 -7.76 -7.52 10.29
C ASP A 12 -6.69 -8.19 9.43
N HIS A 13 -6.37 -7.64 8.28
CA HIS A 13 -5.35 -8.23 7.42
C HIS A 13 -4.16 -7.35 7.15
N LEU A 14 -4.30 -6.02 7.32
CA LEU A 14 -3.14 -5.09 7.06
C LEU A 14 -2.57 -4.55 8.34
N MET A 15 -3.41 -4.25 9.30
CA MET A 15 -2.98 -3.65 10.55
C MET A 15 -2.74 -4.64 11.70
N CYS A 16 -2.87 -5.93 11.42
CA CYS A 16 -2.64 -7.00 12.41
C CYS A 16 -1.17 -7.15 12.73
N ASP A 17 -0.88 -7.78 13.85
CA ASP A 17 0.49 -8.06 14.21
C ASP A 17 1.06 -9.08 13.21
N ILE A 18 2.33 -8.87 12.87
CA ILE A 18 3.03 -9.57 11.82
C ILE A 18 3.84 -10.74 12.44
N GLU A 19 3.45 -11.97 12.06
CA GLU A 19 4.23 -13.21 12.33
C GLU A 19 4.80 -13.40 13.73
N GLY A 20 4.05 -13.03 14.75
CA GLY A 20 4.60 -13.07 16.13
C GLY A 20 5.89 -12.24 16.41
N THR A 21 6.08 -11.14 15.67
CA THR A 21 7.10 -10.14 16.03
C THR A 21 6.55 -9.11 17.02
N GLY A 22 5.24 -9.06 17.21
CA GLY A 22 4.57 -8.00 17.97
C GLY A 22 4.66 -6.63 17.30
N GLN A 23 4.87 -6.59 16.00
CA GLN A 23 5.06 -5.36 15.29
C GLN A 23 4.05 -5.34 14.19
N HIS A 24 3.64 -4.14 13.80
CA HIS A 24 2.69 -3.96 12.71
C HIS A 24 3.02 -2.74 11.84
N LEU A 25 2.36 -2.70 10.69
CA LEU A 25 2.44 -1.53 9.81
C LEU A 25 1.99 -0.28 10.58
N THR A 26 2.58 0.85 10.26
CA THR A 26 2.16 2.11 10.85
C THR A 26 0.72 2.46 10.36
N SER A 27 0.51 2.27 9.07
CA SER A 27 -0.78 2.55 8.42
C SER A 27 -0.99 1.75 7.14
N ALA A 28 -2.26 1.70 6.72
CA ALA A 28 -2.61 0.97 5.52
C ALA A 28 -3.91 1.44 4.93
N ALA A 29 -4.13 1.09 3.68
CA ALA A 29 -5.35 1.51 3.00
C ALA A 29 -5.59 0.61 1.79
N ILE A 30 -6.85 0.56 1.40
CA ILE A 30 -7.27 -0.04 0.12
C ILE A 30 -7.98 1.06 -0.71
N PHE A 31 -7.49 1.21 -1.95
CA PHE A 31 -8.02 2.14 -2.95
C PHE A 31 -8.58 1.36 -4.12
N GLY A 32 -9.60 1.89 -4.81
CA GLY A 32 -9.98 1.40 -6.14
C GLY A 32 -8.90 1.73 -7.15
N THR A 33 -8.82 0.95 -8.23
CA THR A 33 -7.84 1.25 -9.29
C THR A 33 -8.09 2.63 -9.89
N ASP A 34 -9.28 3.21 -9.78
CA ASP A 34 -9.50 4.63 -10.14
C ASP A 34 -9.01 5.73 -9.16
N GLY A 35 -8.47 5.34 -8.00
CA GLY A 35 -8.01 6.32 -7.02
C GLY A 35 -8.98 6.68 -5.91
N THR A 36 -10.15 6.07 -5.88
CA THR A 36 -11.08 6.27 -4.77
C THR A 36 -10.63 5.45 -3.57
N VAL A 37 -10.64 6.03 -2.39
CA VAL A 37 -10.35 5.27 -1.19
C VAL A 37 -11.56 4.39 -0.76
N TRP A 38 -11.31 3.09 -0.53
CA TRP A 38 -12.35 2.19 -0.01
C TRP A 38 -12.31 2.16 1.52
N ALA A 39 -11.11 2.10 2.10
CA ALA A 39 -10.92 2.21 3.55
C ALA A 39 -9.46 2.56 3.84
N LYS A 40 -9.21 3.24 4.94
CA LYS A 40 -7.84 3.52 5.37
C LYS A 40 -7.82 3.47 6.87
N SER A 41 -6.67 3.12 7.44
CA SER A 41 -6.48 3.03 8.88
C SER A 41 -6.45 4.42 9.49
N ALA A 42 -6.59 4.43 10.82
CA ALA A 42 -6.67 5.64 11.63
C ALA A 42 -5.50 6.61 11.42
N SER A 43 -4.28 6.09 11.17
CA SER A 43 -3.07 6.92 10.97
C SER A 43 -2.63 7.08 9.52
N PHE A 44 -3.40 6.58 8.57
CA PHE A 44 -2.95 6.72 7.19
C PHE A 44 -2.84 8.23 6.85
N PRO A 45 -1.81 8.64 6.05
CA PRO A 45 -1.55 10.07 5.80
C PRO A 45 -2.63 10.77 5.01
N GLU A 46 -2.53 12.11 5.00
CA GLU A 46 -3.45 12.99 4.28
C GLU A 46 -3.02 13.10 2.84
N PHE A 47 -3.39 12.08 2.10
CA PHE A 47 -3.04 11.96 0.69
C PHE A 47 -3.88 12.90 -0.14
N LYS A 48 -3.34 13.30 -1.29
CA LYS A 48 -4.05 14.19 -2.16
C LYS A 48 -4.20 13.54 -3.53
N PRO A 49 -5.25 13.91 -4.27
CA PRO A 49 -5.52 13.16 -5.50
C PRO A 49 -4.37 13.05 -6.50
N ASN A 50 -3.52 14.08 -6.61
CA ASN A 50 -2.39 14.04 -7.52
C ASN A 50 -1.37 12.97 -7.17
N GLU A 51 -1.22 12.68 -5.87
CA GLU A 51 -0.31 11.64 -5.42
C GLU A 51 -0.79 10.24 -5.82
N ILE A 52 -2.10 10.04 -5.70
CA ILE A 52 -2.71 8.78 -6.04
C ILE A 52 -2.63 8.59 -7.56
N ASP A 53 -2.94 9.65 -8.31
CA ASP A 53 -2.84 9.61 -9.77
C ASP A 53 -1.44 9.29 -10.25
N ALA A 54 -0.42 9.81 -9.54
CA ALA A 54 0.97 9.53 -9.88
C ALA A 54 1.29 8.05 -9.69
N ILE A 55 0.74 7.46 -8.64
CA ILE A 55 0.85 6.03 -8.37
C ILE A 55 0.09 5.19 -9.40
N ILE A 56 -1.09 5.65 -9.81
CA ILE A 56 -1.85 4.94 -10.85
C ILE A 56 -1.05 4.89 -12.13
N LYS A 57 -0.50 6.04 -12.52
CA LYS A 57 0.40 6.17 -13.68
C LYS A 57 1.57 5.20 -13.65
N GLU A 58 2.22 5.10 -12.50
CA GLU A 58 3.38 4.20 -12.34
C GLU A 58 3.00 2.73 -12.56
N PHE A 59 1.84 2.30 -12.07
CA PHE A 59 1.36 0.94 -12.38
C PHE A 59 1.09 0.73 -13.88
N ASN A 60 0.56 1.77 -14.54
CA ASN A 60 0.28 1.72 -15.98
C ASN A 60 1.53 1.68 -16.83
N GLU A 61 2.58 2.37 -16.39
CA GLU A 61 3.87 2.32 -17.06
C GLU A 61 4.95 2.68 -16.06
N ALA A 62 5.68 1.65 -15.61
CA ALA A 62 6.76 1.78 -14.65
C ALA A 62 7.92 2.66 -15.10
N GLY A 63 8.63 3.22 -14.12
CA GLY A 63 9.79 4.07 -14.38
C GLY A 63 9.53 5.55 -14.57
N GLN A 64 8.30 5.98 -14.29
CA GLN A 64 7.93 7.39 -14.30
C GLN A 64 8.18 8.10 -12.94
N LEU A 65 8.02 7.38 -11.85
CA LEU A 65 8.03 7.98 -10.50
C LEU A 65 9.43 8.18 -9.97
N ALA A 66 10.34 7.27 -10.27
CA ALA A 66 11.69 7.26 -9.64
C ALA A 66 12.54 8.51 -9.76
N PRO A 67 12.54 9.20 -10.92
CA PRO A 67 13.33 10.46 -11.00
C PRO A 67 12.87 11.58 -10.05
N THR A 68 11.59 11.56 -9.72
CA THR A 68 10.93 12.53 -8.87
C THR A 68 10.84 12.03 -7.42
N GLY A 69 10.55 10.73 -7.26
CA GLY A 69 10.14 10.21 -5.96
C GLY A 69 8.62 10.12 -5.80
N LEU A 70 8.19 9.41 -4.78
CA LEU A 70 6.79 9.13 -4.54
C LEU A 70 6.30 10.00 -3.39
N PHE A 71 5.38 10.90 -3.68
CA PHE A 71 4.84 11.73 -2.63
C PHE A 71 3.53 11.13 -2.12
N LEU A 72 3.40 11.10 -0.79
CA LEU A 72 2.13 10.74 -0.15
C LEU A 72 1.98 11.49 1.17
N GLY A 73 0.92 12.29 1.32
CA GLY A 73 0.77 13.19 2.50
C GLY A 73 1.85 14.24 2.63
N GLY A 74 2.42 14.63 1.48
CA GLY A 74 3.54 15.57 1.44
C GLY A 74 4.92 14.95 1.67
N ALA A 75 4.98 13.73 2.21
CA ALA A 75 6.22 13.02 2.46
C ALA A 75 6.78 12.35 1.18
N LYS A 76 8.09 12.50 0.97
CA LYS A 76 8.80 11.99 -0.21
C LYS A 76 9.48 10.65 0.07
N TYR A 77 9.08 9.61 -0.64
CA TYR A 77 9.76 8.30 -0.63
C TYR A 77 10.54 8.10 -1.91
N MET A 78 11.77 7.59 -1.77
CA MET A 78 12.58 7.25 -2.95
C MET A 78 12.08 5.91 -3.50
N VAL A 79 11.82 5.87 -4.80
CA VAL A 79 11.31 4.65 -5.42
C VAL A 79 12.42 3.62 -5.51
N ILE A 80 12.13 2.39 -5.03
CA ILE A 80 13.07 1.23 -5.17
C ILE A 80 12.49 0.15 -6.08
N GLN A 81 13.19 -0.98 -6.22
CA GLN A 81 12.78 -2.01 -7.15
C GLN A 81 11.40 -2.59 -6.87
N GLY A 82 10.54 -2.53 -7.87
CA GLY A 82 9.19 -3.05 -7.78
C GLY A 82 9.02 -4.09 -8.85
N GLU A 83 7.78 -4.28 -9.28
CA GLU A 83 7.41 -5.27 -10.28
C GLU A 83 6.40 -4.59 -11.19
N ALA A 84 6.70 -4.44 -12.48
CA ALA A 84 5.86 -3.63 -13.40
C ALA A 84 4.39 -4.12 -13.41
N GLY A 85 3.45 -3.21 -13.18
CA GLY A 85 1.99 -3.51 -13.11
C GLY A 85 1.50 -4.26 -11.88
N ALA A 86 2.40 -4.49 -10.90
CA ALA A 86 2.10 -5.37 -9.74
C ALA A 86 2.41 -4.72 -8.40
N VAL A 87 3.65 -4.28 -8.25
CA VAL A 87 4.15 -3.74 -6.97
C VAL A 87 5.03 -2.47 -7.17
N ILE A 88 4.78 -1.48 -6.32
CA ILE A 88 5.54 -0.23 -6.25
C ILE A 88 6.06 -0.15 -4.85
N ARG A 89 7.36 0.08 -4.72
CA ARG A 89 8.01 0.18 -3.41
C ARG A 89 8.77 1.48 -3.25
N GLY A 90 8.72 2.02 -2.03
CA GLY A 90 9.37 3.27 -1.70
C GLY A 90 10.09 3.22 -0.36
N LYS A 91 11.15 4.00 -0.25
CA LYS A 91 12.00 4.06 0.96
C LYS A 91 12.21 5.49 1.51
N LYS A 92 12.10 5.59 2.83
CA LYS A 92 12.40 6.83 3.52
C LYS A 92 13.09 6.42 4.80
N GLY A 93 14.41 6.40 4.77
CA GLY A 93 15.17 5.99 5.92
C GLY A 93 14.89 4.54 6.20
N ALA A 94 14.67 4.21 7.47
CA ALA A 94 14.32 2.87 7.92
C ALA A 94 12.82 2.57 7.80
N GLY A 95 12.06 3.47 7.16
CA GLY A 95 10.65 3.24 6.85
C GLY A 95 10.44 3.14 5.33
N GLY A 96 9.19 3.00 4.95
CA GLY A 96 8.88 2.99 3.53
C GLY A 96 7.41 2.78 3.27
N ILE A 97 7.14 2.44 2.01
CA ILE A 97 5.84 2.19 1.53
C ILE A 97 5.86 1.02 0.55
N CYS A 98 4.78 0.24 0.55
CA CYS A 98 4.63 -0.82 -0.46
C CYS A 98 3.18 -0.82 -0.94
N ILE A 99 3.00 -0.91 -2.27
CA ILE A 99 1.72 -0.80 -2.92
C ILE A 99 1.55 -1.96 -3.86
N LYS A 100 0.46 -2.69 -3.74
CA LYS A 100 0.22 -3.87 -4.57
C LYS A 100 -1.07 -3.68 -5.36
N LYS A 101 -0.98 -3.86 -6.68
CA LYS A 101 -2.11 -3.71 -7.56
C LYS A 101 -2.82 -5.06 -7.74
N THR A 102 -4.15 -5.02 -7.80
CA THR A 102 -4.99 -6.18 -8.06
C THR A 102 -5.83 -5.81 -9.27
N GLY A 103 -6.85 -6.61 -9.61
CA GLY A 103 -7.74 -6.32 -10.75
C GLY A 103 -8.52 -5.03 -10.63
N GLN A 104 -8.97 -4.74 -9.42
CA GLN A 104 -9.95 -3.67 -9.12
C GLN A 104 -9.43 -2.73 -8.00
N ALA A 105 -8.30 -3.05 -7.38
CA ALA A 105 -7.84 -2.34 -6.18
C ALA A 105 -6.31 -2.08 -6.16
N MET A 106 -5.91 -1.26 -5.22
CA MET A 106 -4.53 -1.06 -4.85
C MET A 106 -4.44 -1.11 -3.32
N VAL A 107 -3.50 -1.89 -2.81
CA VAL A 107 -3.36 -2.12 -1.36
C VAL A 107 -2.10 -1.42 -0.95
N PHE A 108 -2.21 -0.52 0.03
CA PHE A 108 -1.10 0.24 0.54
C PHE A 108 -0.69 -0.18 1.95
N GLY A 109 0.60 -0.22 2.20
CA GLY A 109 1.20 -0.43 3.56
C GLY A 109 2.33 0.54 3.80
N ILE A 110 2.34 1.18 4.97
CA ILE A 110 3.41 2.12 5.34
C ILE A 110 4.00 1.63 6.65
N TYR A 111 5.32 1.62 6.72
CA TYR A 111 6.01 1.01 7.86
C TYR A 111 7.22 1.86 8.29
N ASP A 112 7.65 1.58 9.52
CA ASP A 112 8.85 2.13 10.12
C ASP A 112 9.51 1.01 10.90
N GLU A 113 10.79 1.16 11.22
CA GLU A 113 11.50 0.20 12.11
C GLU A 113 10.73 -0.13 13.42
N PRO A 114 10.79 -1.37 13.90
CA PRO A 114 11.69 -2.44 13.39
C PRO A 114 11.10 -3.33 12.27
N VAL A 115 9.96 -2.92 11.73
CA VAL A 115 9.36 -3.60 10.58
C VAL A 115 10.34 -3.49 9.38
N ALA A 116 10.70 -4.63 8.84
CA ALA A 116 11.54 -4.72 7.65
C ALA A 116 10.75 -4.37 6.38
N PRO A 117 11.44 -3.95 5.31
CA PRO A 117 10.78 -3.80 4.01
C PRO A 117 10.03 -5.07 3.50
N GLY A 118 10.70 -6.22 3.56
CA GLY A 118 10.12 -7.52 3.22
C GLY A 118 8.81 -7.85 3.92
N GLN A 119 8.65 -7.37 5.14
CA GLN A 119 7.45 -7.63 5.96
C GLN A 119 6.24 -6.80 5.53
N CYS A 120 6.50 -5.55 5.12
CA CYS A 120 5.47 -4.72 4.51
C CYS A 120 5.06 -5.38 3.23
N ASN A 121 6.06 -5.73 2.42
CA ASN A 121 5.81 -6.39 1.12
C ASN A 121 4.95 -7.63 1.34
N MET A 122 5.31 -8.42 2.36
CA MET A 122 4.62 -9.67 2.65
C MET A 122 3.16 -9.45 3.04
N VAL A 123 2.88 -8.45 3.88
CA VAL A 123 1.54 -8.22 4.36
C VAL A 123 0.61 -7.71 3.23
N VAL A 124 1.10 -6.77 2.46
CA VAL A 124 0.34 -6.15 1.41
C VAL A 124 0.13 -7.16 0.26
N GLU A 125 1.19 -7.91 -0.09
CA GLU A 125 1.10 -8.93 -1.17
C GLU A 125 0.19 -10.11 -0.82
N ARG A 126 0.18 -10.54 0.42
CA ARG A 126 -0.75 -11.60 0.83
C ARG A 126 -2.22 -11.16 0.71
N LEU A 127 -2.56 -9.94 1.14
CA LEU A 127 -3.93 -9.48 0.94
C LEU A 127 -4.24 -9.28 -0.54
N GLY A 128 -3.30 -8.72 -1.29
CA GLY A 128 -3.54 -8.45 -2.69
C GLY A 128 -3.76 -9.76 -3.45
N ASP A 129 -3.03 -10.81 -3.10
CA ASP A 129 -3.18 -12.08 -3.79
C ASP A 129 -4.52 -12.70 -3.45
N TYR A 130 -4.93 -12.58 -2.20
CA TYR A 130 -6.25 -13.06 -1.83
C TYR A 130 -7.37 -12.36 -2.66
N LEU A 131 -7.28 -11.05 -2.83
CA LEU A 131 -8.27 -10.30 -3.63
C LEU A 131 -8.21 -10.70 -5.11
N LEU A 132 -6.99 -10.90 -5.61
CA LEU A 132 -6.82 -11.45 -6.95
C LEU A 132 -7.46 -12.83 -7.13
N ASP A 133 -7.25 -13.73 -6.17
CA ASP A 133 -7.91 -15.04 -6.20
C ASP A 133 -9.46 -14.93 -6.25
N GLN A 134 -10.05 -13.90 -5.65
CA GLN A 134 -11.51 -13.66 -5.71
C GLN A 134 -11.99 -12.88 -6.95
N GLY A 135 -11.12 -12.65 -7.95
CA GLY A 135 -11.46 -11.88 -9.13
C GLY A 135 -11.60 -10.38 -8.91
N MET A 136 -10.91 -9.87 -7.88
CA MET A 136 -10.84 -8.45 -7.61
C MET A 136 -9.43 -7.90 -7.65
#